data_9N6O
#
_entry.id   9N6O
#
_cell.length_a   62.040
_cell.length_b   104.290
_cell.length_c   107.210
_cell.angle_alpha   90.000
_cell.angle_beta   90.000
_cell.angle_gamma   90.000
#
_symmetry.space_group_name_H-M   'P 21 21 21'
#
loop_
_entity.id
_entity.type
_entity.pdbx_description
1 polymer 'Dihydroorotate dehydrogenase'
2 non-polymer GLYCEROL
3 non-polymer 'FLAVIN MONONUCLEOTIDE'
4 non-polymer 5-[(4-hydroxy-3-methoxyphenyl)methyl]-1,3-diazinane-2,4,6-trione
5 non-polymer 'SULFATE ION'
6 water water
#
_entity_poly.entity_id   1
_entity_poly.type   'polypeptide(L)'
_entity_poly.pdbx_seq_one_letter_code
;MGSSHHHHHHSSGLVPRGSHMASMTGGGQMGRGSMSLQVGILGNTFANPFMNAAGVMCSTEEELAAMTESTSGSLITKSC
TPALREGNPAPRYYTLPLGSINSMGLPNKGFDFYLAYSARHHDYSRKPLFISISGFSAEENAEMCKRLAPVAAEKGVILE
LNLSCPNVPGKPQVAYDFDAMRRYLAAISEAYPHPFGVKMPPYFDFAHFDAAAEILNQFPKVQFITCINSIGNGLVIDVE
TESVVIKPKQGFGGLGGRYVFPTALANVNAFYRRCPGKLIFGCGGVYTGEDAFLHVLAGASMVQVGTALHEEGAAIFERL
TAELLDVMAKKGYKALDEFRGKVKAMD
;
_entity_poly.pdbx_strand_id   A,B
#
# COMPACT_ATOMS: atom_id res chain seq x y z
N SER A 34 29.38 26.91 4.49
CA SER A 34 29.75 25.55 4.10
C SER A 34 28.52 24.77 3.62
N MET A 35 27.82 24.11 4.55
CA MET A 35 26.60 23.40 4.20
C MET A 35 25.49 23.76 5.18
N SER A 36 24.25 23.61 4.71
CA SER A 36 23.10 23.99 5.51
C SER A 36 21.94 23.04 5.22
N LEU A 37 21.18 22.73 6.26
CA LEU A 37 19.91 22.04 6.16
C LEU A 37 18.72 22.99 6.18
N GLN A 38 18.96 24.29 6.07
CA GLN A 38 17.86 25.22 6.26
C GLN A 38 16.83 25.11 5.14
N VAL A 39 15.59 25.42 5.48
CA VAL A 39 14.49 25.40 4.54
C VAL A 39 13.73 26.71 4.72
N GLY A 40 13.69 27.51 3.67
CA GLY A 40 12.98 28.77 3.80
C GLY A 40 11.64 28.66 3.11
N ILE A 41 10.58 28.39 3.86
CA ILE A 41 9.27 28.19 3.26
C ILE A 41 8.22 28.77 4.18
N LEU A 42 7.10 29.17 3.57
CA LEU A 42 5.96 29.66 4.35
C LEU A 42 6.31 30.92 5.13
N GLY A 43 7.33 31.67 4.69
CA GLY A 43 7.76 32.85 5.40
C GLY A 43 8.57 32.57 6.64
N ASN A 44 9.05 31.33 6.83
CA ASN A 44 9.85 30.96 7.97
C ASN A 44 11.17 30.38 7.49
N THR A 45 12.21 30.52 8.30
CA THR A 45 13.45 29.78 8.09
C THR A 45 13.44 28.60 9.05
N PHE A 46 13.27 27.39 8.53
CA PHE A 46 13.37 26.22 9.40
C PHE A 46 14.83 25.80 9.48
N ALA A 47 15.28 25.43 10.68
CA ALA A 47 16.69 25.10 10.85
C ALA A 47 17.07 23.86 10.05
N ASN A 48 16.14 22.92 9.90
CA ASN A 48 16.34 21.72 9.12
C ASN A 48 14.97 21.22 8.70
N PRO A 49 14.90 20.25 7.78
CA PRO A 49 13.60 19.82 7.26
C PRO A 49 12.82 18.88 8.18
N PHE A 50 13.33 18.54 9.36
CA PHE A 50 12.74 17.46 10.14
C PHE A 50 11.68 17.94 11.11
N MET A 51 10.59 17.19 11.20
CA MET A 51 9.59 17.39 12.24
C MET A 51 8.97 16.05 12.57
N ASN A 52 8.14 16.05 13.61
CA ASN A 52 7.34 14.87 13.88
C ASN A 52 6.20 14.76 12.88
N ALA A 53 5.74 13.53 12.67
CA ALA A 53 4.48 13.31 11.98
C ALA A 53 3.33 13.55 12.94
N ALA A 54 2.21 14.05 12.40
CA ALA A 54 1.05 14.28 13.25
C ALA A 54 0.68 12.98 13.95
N GLY A 55 0.33 13.10 15.24
CA GLY A 55 -0.08 11.95 16.05
C GLY A 55 1.03 11.28 16.84
N VAL A 56 2.28 11.60 16.59
CA VAL A 56 3.41 10.95 17.27
C VAL A 56 4.09 12.01 18.14
N MET A 57 4.18 11.73 19.44
CA MET A 57 4.89 12.63 20.38
C MET A 57 4.32 14.04 20.39
N CYS A 58 3.00 14.16 20.37
CA CYS A 58 2.44 15.48 20.19
C CYS A 58 1.05 15.64 20.77
N SER A 59 0.67 14.86 21.78
CA SER A 59 -0.67 14.93 22.33
C SER A 59 -0.72 15.57 23.71
N THR A 60 0.35 15.46 24.49
CA THR A 60 0.43 16.07 25.81
C THR A 60 1.28 17.32 25.77
N GLU A 61 1.04 18.23 26.73
CA GLU A 61 1.91 19.38 26.91
C GLU A 61 3.37 18.95 27.06
N GLU A 62 3.61 17.80 27.73
CA GLU A 62 4.98 17.38 27.98
C GLU A 62 5.65 16.88 26.70
N GLU A 63 4.90 16.23 25.80
CA GLU A 63 5.48 15.81 24.53
C GLU A 63 5.77 17.00 23.63
N LEU A 64 4.82 17.93 23.54
CA LEU A 64 5.06 19.15 22.77
C LEU A 64 6.33 19.86 23.25
N ALA A 65 6.50 19.95 24.57
CA ALA A 65 7.70 20.59 25.10
C ALA A 65 8.96 19.82 24.69
N ALA A 66 8.92 18.49 24.83
CA ALA A 66 10.04 17.67 24.39
C ALA A 66 10.35 17.90 22.92
N MET A 67 9.30 18.01 22.08
CA MET A 67 9.54 18.27 20.67
C MET A 67 10.16 19.65 20.47
N THR A 68 9.58 20.67 21.13
CA THR A 68 10.09 22.03 21.00
C THR A 68 11.54 22.11 21.44
N GLU A 69 11.92 21.33 22.46
CA GLU A 69 13.28 21.30 22.99
C GLU A 69 14.24 20.50 22.13
N SER A 70 13.74 19.68 21.21
CA SER A 70 14.60 18.86 20.38
C SER A 70 15.27 19.70 19.29
N THR A 71 16.16 19.05 18.55
CA THR A 71 16.79 19.72 17.41
C THR A 71 15.96 19.63 16.12
N SER A 72 14.69 19.25 16.18
CA SER A 72 13.88 19.22 14.97
C SER A 72 13.66 20.63 14.42
N GLY A 73 13.49 20.72 13.10
CA GLY A 73 13.21 22.01 12.49
C GLY A 73 11.83 22.53 12.82
N SER A 74 10.88 21.65 13.09
CA SER A 74 9.54 22.09 13.44
C SER A 74 8.86 20.98 14.22
N LEU A 75 7.58 21.16 14.50
CA LEU A 75 6.75 20.16 15.16
C LEU A 75 5.30 20.45 14.80
N ILE A 76 4.47 19.41 14.93
CA ILE A 76 3.04 19.52 14.62
C ILE A 76 2.27 18.86 15.75
N THR A 77 1.07 19.37 16.00
CA THR A 77 0.21 18.82 17.04
C THR A 77 -0.54 17.57 16.56
N LYS A 78 -1.13 16.88 17.52
CA LYS A 78 -2.08 15.79 17.26
C LYS A 78 -3.30 16.31 16.50
N SER A 79 -3.73 15.56 15.49
CA SER A 79 -4.96 15.91 14.80
C SER A 79 -6.08 15.98 15.83
N CYS A 80 -6.73 17.14 15.93
CA CYS A 80 -7.71 17.37 16.98
C CYS A 80 -9.11 17.45 16.39
N THR A 81 -10.10 17.32 17.28
CA THR A 81 -11.49 17.43 16.91
C THR A 81 -12.12 18.55 17.73
N PRO A 82 -13.32 19.02 17.35
CA PRO A 82 -13.94 20.09 18.15
C PRO A 82 -13.94 19.81 19.65
N ALA A 83 -14.40 18.63 20.07
CA ALA A 83 -14.40 18.24 21.46
C ALA A 83 -13.21 17.33 21.79
N LEU A 84 -13.00 17.10 23.07
CA LEU A 84 -11.87 16.30 23.57
C LEU A 84 -11.80 14.91 22.94
N ASN A 88 -10.63 5.27 20.66
CA ASN A 88 -10.70 3.85 20.35
C ASN A 88 -10.09 3.02 21.48
N PRO A 89 -10.53 1.77 21.62
CA PRO A 89 -10.01 0.91 22.70
C PRO A 89 -8.54 0.60 22.48
N ALA A 90 -7.93 0.01 23.51
CA ALA A 90 -6.54 -0.41 23.44
C ALA A 90 -6.43 -1.92 23.45
N PRO A 91 -5.29 -2.48 23.01
CA PRO A 91 -4.14 -1.80 22.39
C PRO A 91 -4.52 -1.17 21.06
N ARG A 92 -4.14 0.09 20.82
CA ARG A 92 -4.41 0.76 19.57
C ARG A 92 -3.16 1.02 18.75
N TYR A 93 -2.00 0.62 19.26
CA TYR A 93 -0.72 0.76 18.55
C TYR A 93 0.03 -0.55 18.72
N TYR A 94 0.97 -0.79 17.79
CA TYR A 94 1.72 -2.04 17.86
C TYR A 94 2.97 -1.97 17.00
N THR A 95 4.12 -2.20 17.64
CA THR A 95 5.41 -2.23 16.96
C THR A 95 5.53 -3.52 16.16
N LEU A 96 5.78 -3.40 14.87
CA LEU A 96 6.00 -4.51 13.97
C LEU A 96 7.47 -4.64 13.65
N PRO A 97 7.91 -5.79 13.16
CA PRO A 97 9.34 -5.91 12.81
C PRO A 97 9.77 -4.87 11.79
N LEU A 98 8.89 -4.53 10.84
CA LEU A 98 9.24 -3.61 9.77
C LEU A 98 8.56 -2.25 9.90
N GLY A 99 7.89 -1.99 11.01
CA GLY A 99 7.24 -0.70 11.17
C GLY A 99 6.19 -0.69 12.24
N SER A 100 4.98 -0.23 11.91
CA SER A 100 3.95 -0.12 12.93
C SER A 100 2.57 -0.25 12.30
N ILE A 101 1.59 -0.56 13.16
CA ILE A 101 0.18 -0.55 12.83
C ILE A 101 -0.55 0.17 13.96
N ASN A 102 -1.56 0.97 13.62
CA ASN A 102 -2.22 1.76 14.64
C ASN A 102 -3.70 1.94 14.33
N SER A 103 -4.51 1.94 15.37
CA SER A 103 -5.92 2.29 15.27
C SER A 103 -6.29 3.33 16.31
N MET A 104 -5.42 4.32 16.51
CA MET A 104 -5.61 5.31 17.56
C MET A 104 -7.04 5.81 17.66
N GLY A 105 -7.58 6.36 16.57
CA GLY A 105 -8.89 6.95 16.58
C GLY A 105 -8.88 8.47 16.62
N PRO A 107 -7.73 10.13 19.32
CA PRO A 107 -7.80 10.60 20.70
C PRO A 107 -7.01 11.90 20.90
N ASN A 108 -7.69 12.95 21.32
CA ASN A 108 -7.05 14.25 21.46
C ASN A 108 -7.70 15.01 22.61
N LYS A 109 -6.95 15.97 23.14
CA LYS A 109 -7.43 16.81 24.23
C LYS A 109 -8.38 17.92 23.75
N GLY A 110 -8.84 17.86 22.51
CA GLY A 110 -9.81 18.83 22.03
C GLY A 110 -9.16 20.06 21.41
N PHE A 111 -9.88 20.65 20.46
CA PHE A 111 -9.36 21.80 19.71
C PHE A 111 -8.90 22.93 20.63
N ASP A 112 -9.69 23.25 21.66
CA ASP A 112 -9.36 24.39 22.52
C ASP A 112 -7.98 24.21 23.15
N PHE A 113 -7.61 22.98 23.51
CA PHE A 113 -6.30 22.73 24.10
C PHE A 113 -5.18 23.07 23.14
N TYR A 114 -5.26 22.56 21.90
CA TYR A 114 -4.18 22.80 20.95
C TYR A 114 -4.20 24.24 20.45
N LEU A 115 -5.39 24.83 20.29
CA LEU A 115 -5.46 26.25 19.99
C LEU A 115 -4.86 27.08 21.11
N ALA A 116 -5.14 26.71 22.37
CA ALA A 116 -4.51 27.39 23.49
C ALA A 116 -3.00 27.23 23.46
N TYR A 117 -2.51 26.00 23.24
CA TYR A 117 -1.07 25.80 23.15
C TYR A 117 -0.47 26.72 22.09
N SER A 118 -1.19 26.95 20.99
CA SER A 118 -0.72 27.89 19.97
C SER A 118 -0.82 29.33 20.47
N ALA A 119 -1.87 29.64 21.24
CA ALA A 119 -2.16 31.02 21.61
C ALA A 119 -1.04 31.63 22.45
N ARG A 120 -0.68 30.97 23.55
CA ARG A 120 0.30 31.57 24.48
C ARG A 120 1.02 30.49 25.29
N HIS A 121 1.38 29.38 24.65
CA HIS A 121 2.18 28.36 25.32
C HIS A 121 3.35 27.86 24.49
N HIS A 122 3.36 28.07 23.18
CA HIS A 122 4.45 27.60 22.34
C HIS A 122 5.51 28.67 22.16
N ASP A 123 6.77 28.26 22.26
CA ASP A 123 7.93 29.14 22.10
C ASP A 123 8.28 29.26 20.62
N TYR A 124 7.66 30.24 19.96
CA TYR A 124 7.87 30.46 18.53
C TYR A 124 9.28 30.93 18.20
N SER A 125 10.00 31.54 19.14
CA SER A 125 11.38 31.90 18.87
C SER A 125 12.24 30.66 18.73
N ARG A 126 11.73 29.52 19.19
CA ARG A 126 12.44 28.25 19.08
C ARG A 126 12.26 27.61 17.70
N LYS A 127 11.02 27.47 17.25
CA LYS A 127 10.75 26.88 15.94
C LYS A 127 9.28 27.13 15.59
N PRO A 128 8.95 27.15 14.30
CA PRO A 128 7.55 27.28 13.90
C PRO A 128 6.75 26.06 14.31
N LEU A 129 5.43 26.25 14.39
CA LEU A 129 4.49 25.25 14.86
C LEU A 129 3.39 25.05 13.83
N PHE A 130 3.05 23.79 13.59
CA PHE A 130 1.91 23.36 12.78
C PHE A 130 0.84 22.76 13.68
N ILE A 131 -0.42 23.01 13.35
CA ILE A 131 -1.54 22.41 14.08
C ILE A 131 -2.33 21.57 13.08
N SER A 132 -2.58 20.31 13.44
CA SER A 132 -3.34 19.41 12.59
C SER A 132 -4.78 19.35 13.08
N ILE A 133 -5.73 19.45 12.16
CA ILE A 133 -7.14 19.34 12.50
C ILE A 133 -7.79 18.30 11.60
N SER A 134 -8.77 17.60 12.15
CA SER A 134 -9.44 16.59 11.38
C SER A 134 -10.86 16.42 11.93
N GLY A 135 -11.65 17.49 11.79
CA GLY A 135 -13.06 17.41 12.08
C GLY A 135 -13.75 16.36 11.23
N PHE A 136 -14.93 15.96 11.69
CA PHE A 136 -15.71 14.91 11.05
C PHE A 136 -16.58 15.41 9.91
N SER A 137 -16.73 16.71 9.75
CA SER A 137 -17.48 17.26 8.63
C SER A 137 -16.73 18.47 8.10
N ALA A 138 -17.16 18.92 6.91
CA ALA A 138 -16.67 20.19 6.40
C ALA A 138 -17.04 21.33 7.35
N GLU A 139 -18.20 21.25 8.00
CA GLU A 139 -18.65 22.31 8.90
C GLU A 139 -17.80 22.37 10.17
N GLU A 140 -17.53 21.22 10.79
CA GLU A 140 -16.66 21.20 11.97
C GLU A 140 -15.30 21.78 11.65
N ASN A 141 -14.70 21.32 10.55
CA ASN A 141 -13.40 21.86 10.14
C ASN A 141 -13.48 23.36 9.91
N ALA A 142 -14.54 23.82 9.22
CA ALA A 142 -14.66 25.24 8.94
C ALA A 142 -14.81 26.05 10.22
N GLU A 143 -15.63 25.57 11.15
CA GLU A 143 -15.78 26.25 12.43
C GLU A 143 -14.44 26.38 13.13
N MET A 144 -13.69 25.27 13.20
CA MET A 144 -12.39 25.29 13.86
C MET A 144 -11.45 26.30 13.22
N CYS A 145 -11.55 26.47 11.89
CA CYS A 145 -10.64 27.37 11.19
C CYS A 145 -10.96 28.83 11.48
N LYS A 146 -12.25 29.18 11.51
CA LYS A 146 -12.62 30.55 11.90
C LYS A 146 -11.98 30.91 13.24
N ARG A 147 -12.02 29.99 14.21
CA ARG A 147 -11.39 30.21 15.51
C ARG A 147 -9.88 30.35 15.37
N LEU A 148 -9.25 29.50 14.57
CA LEU A 148 -7.80 29.53 14.44
C LEU A 148 -7.31 30.80 13.76
N ALA A 149 -8.12 31.39 12.88
CA ALA A 149 -7.66 32.48 12.03
C ALA A 149 -6.93 33.59 12.79
N PRO A 150 -7.45 34.11 13.90
CA PRO A 150 -6.72 35.18 14.61
C PRO A 150 -5.44 34.69 15.28
N VAL A 151 -5.43 33.46 15.80
CA VAL A 151 -4.20 32.93 16.38
C VAL A 151 -3.14 32.79 15.31
N ALA A 152 -3.52 32.23 14.15
CA ALA A 152 -2.56 32.11 13.05
C ALA A 152 -2.01 33.48 12.66
N ALA A 153 -2.89 34.48 12.57
CA ALA A 153 -2.43 35.81 12.16
C ALA A 153 -1.54 36.45 13.22
N GLU A 154 -1.84 36.24 14.50
CA GLU A 154 -1.07 36.89 15.54
C GLU A 154 0.24 36.16 15.83
N LYS A 155 0.23 34.83 15.76
CA LYS A 155 1.32 34.02 16.29
C LYS A 155 2.10 33.26 15.23
N GLY A 156 1.52 33.04 14.05
CA GLY A 156 2.24 32.37 12.97
C GLY A 156 2.02 30.87 12.87
N VAL A 157 1.19 30.28 13.74
CA VAL A 157 0.90 28.85 13.66
C VAL A 157 0.30 28.53 12.29
N ILE A 158 0.63 27.34 11.78
CA ILE A 158 0.30 26.94 10.40
C ILE A 158 -0.64 25.73 10.42
N LEU A 159 -1.71 25.79 9.64
CA LEU A 159 -2.74 24.75 9.60
C LEU A 159 -2.37 23.61 8.64
N GLU A 160 -2.47 22.37 9.12
CA GLU A 160 -2.44 21.19 8.25
C GLU A 160 -3.78 20.48 8.43
N LEU A 161 -4.53 20.35 7.35
CA LEU A 161 -5.87 19.77 7.36
C LEU A 161 -5.77 18.29 7.01
N ASN A 162 -6.21 17.43 7.90
CA ASN A 162 -6.02 15.99 7.71
C ASN A 162 -7.21 15.45 6.93
N LEU A 163 -6.99 15.11 5.66
CA LEU A 163 -8.04 14.56 4.81
C LEU A 163 -7.93 13.05 4.66
N SER A 164 -7.21 12.38 5.52
CA SER A 164 -6.79 11.02 5.19
C SER A 164 -6.77 10.06 6.33
N CYS A 165 -7.63 10.28 7.32
CA CYS A 165 -7.50 9.41 8.45
C CYS A 165 -8.39 8.24 8.84
N PRO A 166 -7.84 7.03 9.02
CA PRO A 166 -7.94 5.93 8.08
C PRO A 166 -8.59 4.90 9.04
N ASN A 167 -8.69 5.37 10.30
CA ASN A 167 -9.28 4.66 11.43
C ASN A 167 -10.57 5.30 11.94
N VAL A 168 -11.16 6.21 11.17
CA VAL A 168 -12.38 6.92 11.53
C VAL A 168 -13.58 5.99 11.28
N PRO A 169 -14.07 5.25 12.30
CA PRO A 169 -15.12 4.25 12.04
C PRO A 169 -16.34 4.82 11.33
N GLY A 170 -16.65 4.29 10.15
CA GLY A 170 -17.77 4.73 9.35
C GLY A 170 -17.43 5.73 8.26
N LYS A 171 -16.28 6.41 8.37
CA LYS A 171 -15.93 7.48 7.44
C LYS A 171 -14.63 7.15 6.70
N PRO A 172 -14.70 6.68 5.46
CA PRO A 172 -13.49 6.45 4.67
C PRO A 172 -12.70 7.74 4.45
N GLN A 173 -11.43 7.57 4.07
CA GLN A 173 -10.54 8.70 3.84
C GLN A 173 -11.22 9.74 2.94
N VAL A 174 -11.41 10.96 3.48
CA VAL A 174 -12.08 12.02 2.71
C VAL A 174 -11.46 12.15 1.32
N ALA A 175 -10.13 12.07 1.23
CA ALA A 175 -9.49 12.26 -0.07
C ALA A 175 -9.59 11.04 -0.97
N TYR A 176 -10.28 9.97 -0.57
CA TYR A 176 -10.60 8.91 -1.51
C TYR A 176 -11.96 9.14 -2.17
N ASP A 177 -12.57 10.30 -1.95
CA ASP A 177 -13.85 10.69 -2.55
C ASP A 177 -13.66 12.13 -3.04
N PHE A 178 -13.42 12.28 -4.34
CA PHE A 178 -12.95 13.56 -4.86
C PHE A 178 -14.03 14.63 -4.75
N ASP A 179 -15.31 14.26 -4.81
CA ASP A 179 -16.37 15.25 -4.61
C ASP A 179 -16.34 15.79 -3.18
N ALA A 180 -16.12 14.90 -2.19
CA ALA A 180 -16.00 15.37 -0.81
C ALA A 180 -14.72 16.19 -0.61
N MET A 181 -13.60 15.74 -1.19
CA MET A 181 -12.38 16.55 -1.15
C MET A 181 -12.65 17.99 -1.54
N ARG A 182 -13.20 18.17 -2.74
CA ARG A 182 -13.45 19.52 -3.23
C ARG A 182 -14.34 20.31 -2.29
N ARG A 183 -15.30 19.65 -1.64
CA ARG A 183 -16.22 20.37 -0.76
C ARG A 183 -15.52 20.81 0.52
N TYR A 184 -14.67 19.97 1.08
CA TYR A 184 -13.86 20.37 2.23
C TYR A 184 -12.96 21.54 1.87
N LEU A 185 -12.25 21.45 0.74
CA LEU A 185 -11.26 22.47 0.41
C LEU A 185 -11.94 23.81 0.14
N ALA A 186 -13.11 23.80 -0.49
CA ALA A 186 -13.84 25.03 -0.73
C ALA A 186 -14.38 25.60 0.58
N ALA A 187 -14.93 24.74 1.44
CA ALA A 187 -15.40 25.21 2.73
C ALA A 187 -14.27 25.86 3.52
N ILE A 188 -13.11 25.18 3.63
CA ILE A 188 -12.03 25.76 4.40
C ILE A 188 -11.52 27.05 3.74
N SER A 189 -11.42 27.07 2.41
CA SER A 189 -10.92 28.26 1.73
C SER A 189 -11.83 29.46 1.95
N GLU A 190 -13.13 29.23 2.07
CA GLU A 190 -14.07 30.32 2.35
C GLU A 190 -13.97 30.78 3.80
N ALA A 191 -13.73 29.86 4.71
CA ALA A 191 -13.75 30.20 6.14
C ALA A 191 -12.39 30.65 6.66
N TYR A 192 -11.31 30.32 5.97
CA TYR A 192 -9.96 30.53 6.46
C TYR A 192 -9.19 31.48 5.55
N PRO A 193 -8.63 32.58 6.08
CA PRO A 193 -7.99 33.58 5.21
C PRO A 193 -6.55 33.26 4.85
N HIS A 194 -5.86 32.45 5.63
CA HIS A 194 -4.43 32.21 5.48
C HIS A 194 -4.18 30.98 4.65
N PRO A 195 -2.95 30.80 4.17
CA PRO A 195 -2.61 29.56 3.48
C PRO A 195 -2.61 28.40 4.46
N PHE A 196 -2.81 27.20 3.92
CA PHE A 196 -2.82 26.01 4.76
C PHE A 196 -2.34 24.83 3.92
N GLY A 197 -2.13 23.70 4.59
CA GLY A 197 -1.73 22.48 3.93
C GLY A 197 -2.75 21.38 4.16
N VAL A 198 -2.61 20.31 3.36
CA VAL A 198 -3.48 19.14 3.42
C VAL A 198 -2.62 17.90 3.59
N LYS A 199 -3.02 16.99 4.48
CA LYS A 199 -2.34 15.72 4.66
C LYS A 199 -3.13 14.67 3.87
N MET A 200 -2.46 14.04 2.90
CA MET A 200 -3.10 13.17 1.94
C MET A 200 -2.85 11.70 2.26
N PRO A 201 -3.82 10.86 1.93
CA PRO A 201 -3.63 9.41 1.93
C PRO A 201 -2.81 9.01 0.71
N PRO A 202 -2.22 7.81 0.70
CA PRO A 202 -1.51 7.37 -0.50
C PRO A 202 -2.50 7.05 -1.61
N TYR A 203 -2.11 7.36 -2.82
CA TYR A 203 -2.78 6.84 -4.01
C TYR A 203 -1.84 5.87 -4.71
N PHE A 204 -2.44 5.05 -5.57
CA PHE A 204 -1.72 3.92 -6.14
C PHE A 204 -1.89 3.83 -7.65
N ASP A 205 -2.36 4.88 -8.32
CA ASP A 205 -2.35 4.90 -9.77
C ASP A 205 -2.45 6.33 -10.26
N PHE A 206 -2.01 6.53 -11.51
CA PHE A 206 -1.84 7.87 -12.03
C PHE A 206 -3.18 8.57 -12.25
N ALA A 207 -4.25 7.83 -12.53
CA ALA A 207 -5.54 8.50 -12.66
C ALA A 207 -5.93 9.19 -11.36
N HIS A 208 -5.66 8.56 -10.21
CA HIS A 208 -5.99 9.19 -8.93
C HIS A 208 -5.04 10.33 -8.63
N PHE A 209 -3.75 10.17 -8.92
CA PHE A 209 -2.81 11.28 -8.77
C PHE A 209 -3.25 12.49 -9.59
N ASP A 210 -3.61 12.26 -10.86
CA ASP A 210 -4.07 13.35 -11.74
C ASP A 210 -5.34 14.00 -11.19
N ALA A 211 -6.33 13.20 -10.81
CA ALA A 211 -7.57 13.77 -10.30
C ALA A 211 -7.33 14.55 -9.01
N ALA A 212 -6.53 14.01 -8.08
CA ALA A 212 -6.28 14.75 -6.85
C ALA A 212 -5.52 16.06 -7.14
N ALA A 213 -4.47 16.01 -7.96
CA ALA A 213 -3.71 17.24 -8.23
C ALA A 213 -4.56 18.28 -8.93
N GLU A 214 -5.43 17.84 -9.84
CA GLU A 214 -6.33 18.75 -10.55
C GLU A 214 -7.22 19.52 -9.58
N ILE A 215 -7.69 18.84 -8.52
CA ILE A 215 -8.52 19.50 -7.53
C ILE A 215 -7.69 20.46 -6.69
N LEU A 216 -6.53 19.98 -6.20
CA LEU A 216 -5.69 20.82 -5.34
C LEU A 216 -5.20 22.07 -6.07
N ASN A 217 -4.92 21.95 -7.37
CA ASN A 217 -4.42 23.09 -8.13
C ASN A 217 -5.47 24.17 -8.35
N GLN A 218 -6.72 23.92 -7.97
CA GLN A 218 -7.75 24.94 -8.06
C GLN A 218 -7.90 25.73 -6.78
N PHE A 219 -7.16 25.36 -5.73
CA PHE A 219 -7.26 26.04 -4.45
C PHE A 219 -5.96 26.72 -4.09
N PRO A 220 -5.79 28.01 -4.41
CA PRO A 220 -4.50 28.68 -4.18
C PRO A 220 -4.09 28.75 -2.73
N LYS A 221 -5.03 28.69 -1.79
CA LYS A 221 -4.65 28.73 -0.39
C LYS A 221 -4.04 27.44 0.11
N VAL A 222 -4.18 26.33 -0.63
CA VAL A 222 -3.48 25.12 -0.23
C VAL A 222 -2.03 25.30 -0.66
N GLN A 223 -1.16 25.65 0.28
CA GLN A 223 0.23 25.91 -0.06
C GLN A 223 1.14 24.71 0.12
N PHE A 224 0.75 23.70 0.91
CA PHE A 224 1.55 22.48 0.98
C PHE A 224 0.66 21.24 1.06
N ILE A 225 1.25 20.12 0.66
CA ILE A 225 0.61 18.81 0.62
C ILE A 225 1.53 17.86 1.36
N THR A 226 1.01 17.15 2.36
CA THR A 226 1.83 16.20 3.09
C THR A 226 1.51 14.79 2.58
N CYS A 227 2.54 14.12 2.05
CA CYS A 227 2.45 12.76 1.54
C CYS A 227 3.41 11.89 2.34
N ILE A 228 2.88 10.91 3.09
CA ILE A 228 1.54 10.34 3.13
C ILE A 228 1.08 10.10 4.56
N ASN A 229 -0.23 10.03 4.73
CA ASN A 229 -0.74 9.39 5.93
C ASN A 229 -0.44 7.88 5.84
N SER A 230 -0.75 7.16 6.90
CA SER A 230 -0.46 5.73 6.92
C SER A 230 -1.20 5.02 5.79
N ILE A 231 -0.64 3.89 5.34
CA ILE A 231 -1.36 3.03 4.40
C ILE A 231 -2.50 2.36 5.16
N GLY A 232 -3.74 2.58 4.72
CA GLY A 232 -4.89 2.28 5.54
C GLY A 232 -5.27 0.81 5.56
N ASN A 233 -5.83 0.39 6.70
CA ASN A 233 -6.51 -0.90 6.83
C ASN A 233 -5.65 -2.07 6.37
N GLY A 234 -4.42 -2.09 6.84
CA GLY A 234 -3.66 -3.32 6.87
C GLY A 234 -4.14 -4.18 8.02
N LEU A 235 -3.62 -5.41 8.07
CA LEU A 235 -4.06 -6.35 9.09
C LEU A 235 -2.86 -7.14 9.56
N VAL A 236 -2.60 -7.11 10.86
CA VAL A 236 -1.49 -7.84 11.45
C VAL A 236 -2.05 -8.90 12.39
N ILE A 237 -1.54 -10.12 12.28
CA ILE A 237 -1.98 -11.25 13.08
C ILE A 237 -0.77 -11.87 13.75
N ASP A 238 -0.95 -12.26 15.00
CA ASP A 238 0.10 -12.86 15.80
C ASP A 238 0.06 -14.38 15.67
N VAL A 239 1.20 -14.97 15.32
CA VAL A 239 1.27 -16.41 15.07
C VAL A 239 0.94 -17.19 16.33
N GLU A 240 1.55 -16.80 17.45
CA GLU A 240 1.36 -17.57 18.69
C GLU A 240 -0.09 -17.56 19.14
N THR A 241 -0.70 -16.38 19.26
CA THR A 241 -2.08 -16.28 19.73
C THR A 241 -3.12 -16.44 18.64
N GLU A 242 -2.74 -16.42 17.36
CA GLU A 242 -3.69 -16.49 16.25
C GLU A 242 -4.73 -15.37 16.34
N SER A 243 -4.34 -14.25 16.93
CA SER A 243 -5.20 -13.10 17.13
C SER A 243 -4.62 -11.86 16.46
N VAL A 244 -5.52 -10.96 16.05
CA VAL A 244 -5.09 -9.63 15.65
C VAL A 244 -4.43 -8.92 16.84
N VAL A 245 -3.58 -7.95 16.52
CA VAL A 245 -2.75 -7.31 17.54
C VAL A 245 -3.29 -5.97 18.02
N ILE A 246 -4.32 -5.44 17.36
CA ILE A 246 -4.97 -4.23 17.84
C ILE A 246 -6.47 -4.52 17.91
N LYS A 247 -7.14 -3.85 18.86
CA LYS A 247 -8.49 -4.23 19.26
C LYS A 247 -9.56 -3.65 18.33
N PRO A 248 -9.54 -2.34 18.04
CA PRO A 248 -10.62 -1.75 17.23
C PRO A 248 -10.67 -2.31 15.81
N LYS A 249 -11.85 -2.20 15.21
CA LYS A 249 -12.03 -2.42 13.77
C LYS A 249 -11.50 -3.80 13.35
N GLN A 250 -11.76 -4.80 14.19
N GLN A 250 -11.73 -4.79 14.22
CA GLN A 250 -11.40 -6.20 13.92
CA GLN A 250 -11.40 -6.18 13.93
C GLN A 250 -9.93 -6.36 13.55
C GLN A 250 -9.93 -6.36 13.56
N GLY A 251 -9.07 -5.52 14.11
CA GLY A 251 -7.64 -5.63 13.89
C GLY A 251 -7.10 -4.82 12.72
N PHE A 252 -7.96 -4.23 11.90
CA PHE A 252 -7.51 -3.43 10.76
C PHE A 252 -7.02 -2.07 11.22
N GLY A 253 -5.84 -1.66 10.76
CA GLY A 253 -5.28 -0.37 11.15
C GLY A 253 -4.33 0.20 10.10
N GLY A 254 -3.84 1.41 10.39
CA GLY A 254 -2.95 2.09 9.46
C GLY A 254 -1.51 1.66 9.65
N LEU A 255 -0.83 1.41 8.53
CA LEU A 255 0.58 0.99 8.53
C LEU A 255 1.51 2.19 8.43
N GLY A 256 2.62 2.12 9.18
CA GLY A 256 3.67 3.11 9.07
C GLY A 256 5.02 2.42 9.07
N GLY A 257 6.07 3.21 8.81
CA GLY A 257 7.40 2.66 8.88
C GLY A 257 7.93 2.08 7.58
N ARG A 258 8.82 1.08 7.67
CA ARG A 258 9.51 0.60 6.47
CA ARG A 258 9.51 0.59 6.47
C ARG A 258 8.52 0.09 5.43
N TYR A 259 7.36 -0.41 5.85
CA TYR A 259 6.37 -0.91 4.90
C TYR A 259 5.99 0.14 3.85
N VAL A 260 5.99 1.42 4.22
CA VAL A 260 5.32 2.43 3.40
C VAL A 260 6.30 3.29 2.61
N PHE A 261 7.59 3.03 2.71
CA PHE A 261 8.59 3.96 2.16
C PHE A 261 8.49 4.10 0.65
N PRO A 262 8.50 3.02 -0.14
CA PRO A 262 8.36 3.20 -1.61
C PRO A 262 7.05 3.87 -1.98
N THR A 263 5.97 3.57 -1.25
CA THR A 263 4.70 4.23 -1.54
C THR A 263 4.78 5.72 -1.21
N ALA A 264 5.45 6.06 -0.11
CA ALA A 264 5.53 7.47 0.26
C ALA A 264 6.37 8.24 -0.75
N LEU A 265 7.50 7.68 -1.19
CA LEU A 265 8.31 8.37 -2.19
C LEU A 265 7.53 8.60 -3.48
N ALA A 266 6.76 7.59 -3.90
CA ALA A 266 5.97 7.71 -5.13
C ALA A 266 4.99 8.87 -5.03
N ASN A 267 4.31 8.97 -3.89
CA ASN A 267 3.32 10.00 -3.72
C ASN A 267 3.96 11.38 -3.63
N VAL A 268 5.07 11.51 -2.89
CA VAL A 268 5.82 12.75 -2.88
C VAL A 268 6.19 13.18 -4.29
N ASN A 269 6.81 12.29 -5.05
CA ASN A 269 7.24 12.64 -6.40
C ASN A 269 6.05 12.91 -7.32
N ALA A 270 4.99 12.11 -7.23
CA ALA A 270 3.85 12.32 -8.13
C ALA A 270 3.23 13.70 -7.92
N PHE A 271 3.09 14.14 -6.68
CA PHE A 271 2.50 15.44 -6.44
C PHE A 271 3.51 16.56 -6.65
N TYR A 272 4.78 16.33 -6.32
CA TYR A 272 5.82 17.29 -6.69
C TYR A 272 5.74 17.64 -8.17
N ARG A 273 5.56 16.62 -9.02
CA ARG A 273 5.49 16.84 -10.46
C ARG A 273 4.20 17.53 -10.87
N ARG A 274 3.06 17.20 -10.23
CA ARG A 274 1.78 17.70 -10.70
C ARG A 274 1.31 18.97 -10.01
N CYS A 275 1.96 19.37 -8.91
CA CYS A 275 1.59 20.58 -8.19
C CYS A 275 2.83 21.45 -8.01
N PRO A 276 3.40 21.96 -9.11
CA PRO A 276 4.63 22.78 -8.98
C PRO A 276 4.42 24.07 -8.22
N GLY A 277 3.18 24.54 -8.07
CA GLY A 277 2.93 25.72 -7.25
C GLY A 277 2.79 25.45 -5.77
N LYS A 278 2.93 24.21 -5.34
CA LYS A 278 2.78 23.86 -3.94
C LYS A 278 4.06 23.25 -3.43
N LEU A 279 4.22 23.30 -2.11
CA LEU A 279 5.29 22.56 -1.45
C LEU A 279 4.79 21.14 -1.16
N ILE A 280 5.71 20.19 -1.16
CA ILE A 280 5.44 18.81 -0.75
C ILE A 280 6.17 18.57 0.57
N PHE A 281 5.46 18.05 1.56
CA PHE A 281 6.10 17.53 2.77
C PHE A 281 6.12 16.00 2.67
N GLY A 282 7.28 15.40 2.88
CA GLY A 282 7.40 13.95 2.85
C GLY A 282 7.11 13.34 4.21
N CYS A 283 6.37 12.24 4.21
CA CYS A 283 6.12 11.50 5.44
C CYS A 283 5.98 10.02 5.11
N GLY A 284 6.72 9.18 5.83
CA GLY A 284 6.56 7.75 5.70
C GLY A 284 7.89 7.05 5.51
N GLY A 285 8.22 6.15 6.44
CA GLY A 285 9.37 5.29 6.26
C GLY A 285 10.72 5.88 6.58
N VAL A 286 10.80 7.05 7.22
CA VAL A 286 12.09 7.67 7.47
C VAL A 286 12.69 7.11 8.76
N TYR A 287 13.84 6.45 8.65
CA TYR A 287 14.65 6.02 9.78
C TYR A 287 16.04 6.61 9.77
N THR A 288 16.56 7.02 8.61
CA THR A 288 17.94 7.47 8.49
C THR A 288 17.99 8.75 7.67
N GLY A 289 19.11 9.46 7.78
CA GLY A 289 19.34 10.60 6.91
C GLY A 289 19.32 10.23 5.44
N GLU A 290 19.64 8.98 5.13
CA GLU A 290 19.59 8.54 3.73
C GLU A 290 18.15 8.42 3.26
N ASP A 291 17.25 8.00 4.15
CA ASP A 291 15.82 7.99 3.85
C ASP A 291 15.32 9.41 3.60
N ALA A 292 15.72 10.35 4.47
CA ALA A 292 15.36 11.76 4.30
C ALA A 292 15.91 12.32 2.99
N PHE A 293 17.15 11.97 2.67
CA PHE A 293 17.74 12.39 1.39
C PHE A 293 16.87 11.98 0.21
N LEU A 294 16.35 10.73 0.22
CA LEU A 294 15.53 10.27 -0.91
C LEU A 294 14.20 11.01 -0.98
N HIS A 295 13.61 11.31 0.17
CA HIS A 295 12.37 12.10 0.20
C HIS A 295 12.61 13.46 -0.45
N VAL A 296 13.70 14.13 -0.10
CA VAL A 296 14.03 15.42 -0.68
C VAL A 296 14.29 15.29 -2.16
N LEU A 297 15.12 14.32 -2.56
CA LEU A 297 15.33 14.05 -3.97
C LEU A 297 14.00 13.87 -4.71
N ALA A 298 13.02 13.25 -4.06
CA ALA A 298 11.71 13.04 -4.68
C ALA A 298 10.89 14.32 -4.76
N GLY A 299 11.21 15.32 -3.93
CA GLY A 299 10.50 16.57 -3.99
C GLY A 299 10.15 17.17 -2.65
N ALA A 300 10.46 16.50 -1.55
CA ALA A 300 10.00 16.96 -0.25
C ALA A 300 10.72 18.23 0.19
N SER A 301 9.96 19.19 0.68
CA SER A 301 10.49 20.38 1.34
C SER A 301 10.76 20.12 2.82
N MET A 302 9.78 19.54 3.52
CA MET A 302 9.98 19.11 4.89
C MET A 302 9.82 17.59 4.93
N VAL A 303 10.29 16.98 6.03
CA VAL A 303 10.38 15.53 6.16
C VAL A 303 9.87 15.18 7.55
N GLN A 304 8.75 14.47 7.62
CA GLN A 304 8.12 14.13 8.88
C GLN A 304 8.51 12.71 9.28
N VAL A 305 8.63 12.49 10.58
CA VAL A 305 9.12 11.22 11.13
C VAL A 305 8.10 10.71 12.12
N GLY A 306 7.56 9.51 11.87
CA GLY A 306 6.49 8.98 12.69
C GLY A 306 6.94 7.76 13.49
N THR A 307 6.79 6.57 12.89
CA THR A 307 7.16 5.32 13.54
C THR A 307 8.57 5.38 14.15
N ALA A 308 9.57 5.80 13.38
CA ALA A 308 10.93 5.80 13.92
C ALA A 308 11.04 6.73 15.14
N LEU A 309 10.27 7.83 15.16
CA LEU A 309 10.31 8.73 16.31
C LEU A 309 9.58 8.14 17.51
N HIS A 310 8.46 7.45 17.26
CA HIS A 310 7.78 6.73 18.32
C HIS A 310 8.72 5.75 19.03
N GLU A 311 9.67 5.16 18.31
CA GLU A 311 10.55 4.15 18.86
C GLU A 311 11.79 4.75 19.52
N GLU A 312 12.35 5.79 18.92
CA GLU A 312 13.63 6.38 19.28
C GLU A 312 13.51 7.55 20.26
N GLY A 313 12.39 8.25 20.24
CA GLY A 313 12.27 9.50 20.96
C GLY A 313 13.01 10.64 20.26
N ALA A 314 12.86 11.83 20.84
CA ALA A 314 13.25 13.09 20.20
C ALA A 314 14.75 13.18 19.90
N ALA A 315 15.58 12.30 20.44
CA ALA A 315 17.00 12.34 20.09
C ALA A 315 17.25 11.90 18.66
N ILE A 316 16.29 11.23 18.02
CA ILE A 316 16.49 10.80 16.64
C ILE A 316 16.86 11.97 15.75
N PHE A 317 16.36 13.17 16.06
CA PHE A 317 16.56 14.29 15.17
C PHE A 317 18.03 14.71 15.13
N GLU A 318 18.76 14.56 16.25
CA GLU A 318 20.19 14.81 16.21
C GLU A 318 20.88 13.83 15.26
N ARG A 319 20.44 12.58 15.24
CA ARG A 319 21.04 11.58 14.35
C ARG A 319 20.65 11.84 12.90
N LEU A 320 19.40 12.19 12.64
CA LEU A 320 18.95 12.40 11.26
C LEU A 320 19.66 13.59 10.60
N THR A 321 19.79 14.70 11.32
CA THR A 321 20.47 15.86 10.72
C THR A 321 21.93 15.53 10.42
N ALA A 322 22.59 14.85 11.37
CA ALA A 322 23.97 14.45 11.15
C ALA A 322 24.09 13.52 9.95
N GLU A 323 23.19 12.55 9.83
CA GLU A 323 23.26 11.61 8.71
C GLU A 323 22.94 12.30 7.39
N LEU A 324 21.91 13.17 7.36
CA LEU A 324 21.62 13.93 6.16
C LEU A 324 22.83 14.73 5.71
N LEU A 325 23.46 15.45 6.64
CA LEU A 325 24.63 16.24 6.30
C LEU A 325 25.76 15.38 5.75
N ASP A 326 25.93 14.18 6.31
CA ASP A 326 26.98 13.29 5.82
C ASP A 326 26.74 12.87 4.38
N VAL A 327 25.49 12.55 4.04
CA VAL A 327 25.21 12.17 2.66
C VAL A 327 25.52 13.33 1.73
N MET A 328 25.07 14.53 2.12
CA MET A 328 25.28 15.71 1.30
C MET A 328 26.77 16.01 1.14
N ALA A 329 27.54 15.88 2.23
CA ALA A 329 28.97 16.11 2.16
C ALA A 329 29.63 15.15 1.18
N LYS A 330 29.29 13.87 1.25
CA LYS A 330 29.88 12.90 0.36
C LYS A 330 29.55 13.20 -1.10
N LYS A 331 28.44 13.88 -1.35
CA LYS A 331 28.06 14.25 -2.70
C LYS A 331 28.43 15.68 -3.06
N GLY A 332 28.87 16.49 -2.10
CA GLY A 332 29.26 17.85 -2.40
C GLY A 332 28.12 18.84 -2.46
N TYR A 333 26.94 18.47 -1.95
CA TYR A 333 25.83 19.41 -1.87
C TYR A 333 26.02 20.32 -0.68
N LYS A 334 25.74 21.61 -0.88
CA LYS A 334 25.80 22.61 0.18
C LYS A 334 24.44 23.01 0.73
N ALA A 335 23.35 22.79 -0.04
CA ALA A 335 22.02 23.16 0.41
C ALA A 335 21.00 22.21 -0.20
N LEU A 336 19.85 22.10 0.47
CA LEU A 336 18.80 21.20 -0.01
C LEU A 336 18.26 21.64 -1.37
N ASP A 337 18.16 22.95 -1.63
CA ASP A 337 17.70 23.44 -2.93
C ASP A 337 18.54 22.95 -4.09
N GLU A 338 19.71 22.36 -3.84
CA GLU A 338 20.52 21.89 -4.95
C GLU A 338 20.05 20.56 -5.51
N PHE A 339 19.30 19.78 -4.76
CA PHE A 339 18.87 18.49 -5.26
C PHE A 339 17.40 18.17 -4.97
N ARG A 340 16.67 19.03 -4.26
CA ARG A 340 15.26 18.77 -4.05
C ARG A 340 14.58 18.55 -5.39
N GLY A 341 13.92 17.40 -5.52
CA GLY A 341 13.18 17.05 -6.72
C GLY A 341 14.00 16.64 -7.91
N LYS A 342 15.32 16.50 -7.79
CA LYS A 342 16.18 16.19 -8.93
C LYS A 342 16.39 14.70 -9.13
N VAL A 343 15.46 13.86 -8.68
CA VAL A 343 15.56 12.44 -8.99
C VAL A 343 15.72 12.29 -10.50
N LYS A 344 16.69 11.51 -10.91
CA LYS A 344 16.92 11.25 -12.33
C LYS A 344 16.05 10.08 -12.77
N ALA A 345 15.22 10.29 -13.79
CA ALA A 345 14.62 9.14 -14.43
C ALA A 345 15.67 8.41 -15.25
N MET A 346 15.34 7.18 -15.67
CA MET A 346 16.25 6.46 -16.56
C MET A 346 15.48 5.86 -17.73
N SER B 34 -0.25 -38.20 9.94
CA SER B 34 -1.65 -37.92 10.24
C SER B 34 -2.02 -36.44 10.09
N MET B 35 -1.04 -35.57 9.86
CA MET B 35 -1.35 -34.20 9.44
C MET B 35 -1.34 -34.12 7.92
N SER B 36 -2.09 -33.16 7.39
CA SER B 36 -2.21 -33.03 5.95
C SER B 36 -2.27 -31.54 5.58
N LEU B 37 -1.60 -31.22 4.48
CA LEU B 37 -1.69 -29.91 3.86
C LEU B 37 -2.63 -29.91 2.67
N GLN B 38 -3.38 -31.00 2.47
CA GLN B 38 -4.22 -31.11 1.30
C GLN B 38 -5.32 -30.05 1.30
N VAL B 39 -5.70 -29.65 0.10
CA VAL B 39 -6.78 -28.69 -0.12
C VAL B 39 -7.73 -29.33 -1.13
N GLY B 40 -8.98 -29.50 -0.75
CA GLY B 40 -9.92 -30.01 -1.71
C GLY B 40 -10.85 -28.90 -2.16
N ILE B 41 -10.58 -28.30 -3.32
CA ILE B 41 -11.39 -27.21 -3.83
C ILE B 41 -11.51 -27.34 -5.34
N LEU B 42 -12.54 -26.70 -5.88
CA LEU B 42 -12.69 -26.60 -7.33
C LEU B 42 -12.71 -27.98 -8.00
N GLY B 43 -13.12 -29.03 -7.28
CA GLY B 43 -13.16 -30.35 -7.87
C GLY B 43 -11.82 -31.05 -7.97
N ASN B 44 -10.77 -30.50 -7.36
CA ASN B 44 -9.45 -31.13 -7.38
C ASN B 44 -8.98 -31.35 -5.95
N THR B 45 -8.06 -32.28 -5.80
CA THR B 45 -7.28 -32.41 -4.58
C THR B 45 -5.93 -31.77 -4.86
N PHE B 46 -5.57 -30.75 -4.10
CA PHE B 46 -4.23 -30.17 -4.17
C PHE B 46 -3.40 -30.76 -3.03
N ALA B 47 -2.17 -31.22 -3.35
CA ALA B 47 -1.34 -31.82 -2.33
C ALA B 47 -1.03 -30.84 -1.22
N ASN B 48 -0.96 -29.55 -1.55
CA ASN B 48 -0.69 -28.54 -0.54
C ASN B 48 -1.17 -27.21 -1.09
N PRO B 49 -1.23 -26.17 -0.26
CA PRO B 49 -1.82 -24.90 -0.72
C PRO B 49 -0.92 -24.06 -1.63
N PHE B 50 0.34 -24.44 -1.85
CA PHE B 50 1.30 -23.51 -2.44
C PHE B 50 1.32 -23.58 -3.95
N MET B 51 1.55 -22.42 -4.57
CA MET B 51 1.71 -22.32 -6.01
C MET B 51 2.51 -21.04 -6.27
N ASN B 52 2.98 -20.89 -7.51
CA ASN B 52 3.59 -19.61 -7.84
C ASN B 52 2.53 -18.53 -7.93
N ALA B 53 2.96 -17.29 -7.72
CA ALA B 53 2.15 -16.14 -8.12
C ALA B 53 2.27 -15.96 -9.63
N ALA B 54 1.17 -15.56 -10.26
CA ALA B 54 1.19 -15.29 -11.69
C ALA B 54 2.31 -14.33 -12.06
N GLY B 55 3.03 -14.63 -13.13
CA GLY B 55 4.12 -13.81 -13.60
C GLY B 55 5.49 -14.24 -13.13
N VAL B 56 5.57 -15.03 -12.07
CA VAL B 56 6.85 -15.49 -11.53
C VAL B 56 7.08 -16.95 -11.93
N MET B 57 8.18 -17.19 -12.63
CA MET B 57 8.60 -18.54 -13.00
C MET B 57 7.54 -19.29 -13.78
N CYS B 58 7.02 -18.66 -14.82
CA CYS B 58 5.88 -19.31 -15.47
C CYS B 58 5.64 -18.80 -16.89
N SER B 59 6.64 -18.19 -17.53
CA SER B 59 6.48 -17.58 -18.83
C SER B 59 6.87 -18.50 -19.98
N THR B 60 7.86 -19.37 -19.79
CA THR B 60 8.36 -20.29 -20.80
C THR B 60 8.00 -21.73 -20.45
N GLU B 61 8.17 -22.62 -21.42
CA GLU B 61 7.90 -24.04 -21.17
C GLU B 61 8.85 -24.59 -20.10
N GLU B 62 10.11 -24.15 -20.12
CA GLU B 62 11.08 -24.64 -19.14
C GLU B 62 10.68 -24.25 -17.71
N GLU B 63 10.21 -23.01 -17.52
CA GLU B 63 9.75 -22.60 -16.18
C GLU B 63 8.50 -23.38 -15.76
N LEU B 64 7.55 -23.53 -16.68
CA LEU B 64 6.34 -24.27 -16.32
C LEU B 64 6.66 -25.73 -16.00
N ALA B 65 7.66 -26.30 -16.68
CA ALA B 65 8.03 -27.69 -16.40
C ALA B 65 8.71 -27.80 -15.04
N ALA B 66 9.54 -26.81 -14.69
CA ALA B 66 10.16 -26.77 -13.38
C ALA B 66 9.13 -26.58 -12.26
N MET B 67 8.15 -25.67 -12.44
CA MET B 67 7.04 -25.63 -11.51
C MET B 67 6.31 -26.96 -11.41
N THR B 68 6.09 -27.64 -12.53
CA THR B 68 5.36 -28.89 -12.45
C THR B 68 6.17 -29.94 -11.68
N GLU B 69 7.50 -29.94 -11.86
CA GLU B 69 8.35 -30.93 -11.19
C GLU B 69 8.59 -30.60 -9.73
N SER B 70 8.37 -29.35 -9.32
CA SER B 70 8.52 -28.94 -7.94
C SER B 70 7.43 -29.59 -7.06
N THR B 71 7.51 -29.35 -5.76
CA THR B 71 6.53 -29.89 -4.83
C THR B 71 5.35 -28.94 -4.59
N SER B 72 5.21 -27.86 -5.35
CA SER B 72 4.06 -27.00 -5.19
C SER B 72 2.78 -27.79 -5.43
N GLY B 73 1.71 -27.39 -4.75
CA GLY B 73 0.42 -28.01 -5.00
C GLY B 73 -0.17 -27.64 -6.34
N SER B 74 0.22 -26.49 -6.89
CA SER B 74 -0.29 -26.11 -8.20
C SER B 74 0.67 -25.13 -8.84
N LEU B 75 0.25 -24.58 -10.00
CA LEU B 75 1.00 -23.55 -10.69
C LEU B 75 0.03 -22.75 -11.56
N ILE B 76 0.48 -21.57 -11.97
CA ILE B 76 -0.31 -20.70 -12.82
C ILE B 76 0.61 -20.10 -13.87
N THR B 77 0.07 -19.89 -15.06
CA THR B 77 0.86 -19.31 -16.13
C THR B 77 0.99 -17.80 -15.97
N LYS B 78 1.97 -17.24 -16.69
CA LYS B 78 2.06 -15.80 -16.83
C LYS B 78 0.76 -15.25 -17.41
N SER B 79 0.33 -14.09 -16.91
CA SER B 79 -0.84 -13.43 -17.51
C SER B 79 -0.58 -13.19 -18.99
N CYS B 80 -1.50 -13.62 -19.85
CA CYS B 80 -1.24 -13.53 -21.27
C CYS B 80 -2.21 -12.60 -21.97
N THR B 81 -1.76 -12.12 -23.13
CA THR B 81 -2.52 -11.33 -24.06
C THR B 81 -2.80 -12.14 -25.33
N PRO B 82 -3.75 -11.71 -26.15
CA PRO B 82 -4.03 -12.45 -27.40
C PRO B 82 -2.80 -12.65 -28.26
N ALA B 83 -1.92 -11.65 -28.39
CA ALA B 83 -0.66 -11.81 -29.12
C ALA B 83 0.54 -11.74 -28.18
N LEU B 84 1.63 -12.34 -28.64
CA LEU B 84 2.91 -12.22 -27.98
C LEU B 84 3.24 -10.75 -27.73
N ARG B 85 3.95 -10.50 -26.64
CA ARG B 85 4.37 -9.15 -26.25
C ARG B 85 5.78 -9.22 -25.70
N GLU B 86 6.60 -8.26 -26.08
CA GLU B 86 7.95 -8.16 -25.52
C GLU B 86 7.97 -7.45 -24.17
N GLY B 87 6.96 -6.63 -23.85
CA GLY B 87 6.90 -5.95 -22.57
C GLY B 87 7.75 -4.68 -22.49
N ASN B 88 7.83 -4.11 -21.29
CA ASN B 88 8.50 -2.82 -21.09
C ASN B 88 10.02 -2.97 -21.21
N PRO B 89 10.74 -1.89 -21.57
CA PRO B 89 12.20 -1.97 -21.65
C PRO B 89 12.86 -2.16 -20.29
N ALA B 90 13.99 -2.89 -20.29
CA ALA B 90 14.71 -3.18 -19.05
C ALA B 90 15.63 -2.03 -18.65
N PRO B 91 16.09 -2.01 -17.40
CA PRO B 91 15.69 -2.89 -16.29
C PRO B 91 14.25 -2.63 -15.90
N ARG B 92 13.47 -3.68 -15.62
CA ARG B 92 12.07 -3.54 -15.26
C ARG B 92 11.72 -4.33 -14.00
N TYR B 93 12.72 -4.93 -13.35
CA TYR B 93 12.55 -5.62 -12.08
C TYR B 93 13.73 -5.24 -11.22
N TYR B 94 13.49 -5.08 -9.93
CA TYR B 94 14.59 -4.70 -9.06
C TYR B 94 14.36 -5.27 -7.68
N THR B 95 15.39 -5.89 -7.12
CA THR B 95 15.34 -6.46 -5.78
C THR B 95 15.53 -5.37 -4.74
N LEU B 96 14.56 -5.20 -3.86
CA LEU B 96 14.60 -4.24 -2.77
C LEU B 96 15.04 -4.92 -1.47
N PRO B 97 15.44 -4.16 -0.46
CA PRO B 97 15.79 -4.80 0.82
C PRO B 97 14.66 -5.66 1.37
N LEU B 98 13.41 -5.20 1.25
CA LEU B 98 12.26 -5.89 1.80
C LEU B 98 11.31 -6.43 0.74
N GLY B 99 11.75 -6.54 -0.50
CA GLY B 99 10.85 -7.10 -1.49
C GLY B 99 11.29 -6.81 -2.90
N SER B 100 10.37 -6.31 -3.73
CA SER B 100 10.72 -6.11 -5.13
C SER B 100 9.85 -5.00 -5.69
N ILE B 101 10.32 -4.41 -6.79
CA ILE B 101 9.53 -3.49 -7.58
C ILE B 101 9.65 -3.95 -9.02
N ASN B 102 8.54 -3.92 -9.75
CA ASN B 102 8.61 -4.35 -11.14
C ASN B 102 7.67 -3.51 -11.98
N SER B 103 8.02 -3.38 -13.25
CA SER B 103 7.14 -2.83 -14.26
C SER B 103 7.31 -3.68 -15.52
N MET B 104 6.96 -4.97 -15.38
CA MET B 104 7.17 -5.94 -16.45
C MET B 104 6.42 -5.53 -17.71
N GLY B 105 5.17 -5.10 -17.56
CA GLY B 105 4.37 -4.74 -18.71
C GLY B 105 3.87 -5.92 -19.51
N LEU B 106 3.51 -7.01 -18.83
CA LEU B 106 2.95 -8.20 -19.46
C LEU B 106 3.74 -8.72 -20.67
N PRO B 107 5.05 -8.92 -20.51
CA PRO B 107 5.77 -9.71 -21.52
C PRO B 107 5.23 -11.12 -21.45
N ASN B 108 4.88 -11.67 -22.60
CA ASN B 108 4.34 -13.02 -22.53
C ASN B 108 4.34 -13.61 -23.94
N LYS B 109 4.30 -14.93 -24.00
CA LYS B 109 4.41 -15.68 -25.24
C LYS B 109 3.14 -15.67 -26.06
N GLY B 110 2.07 -15.04 -25.57
CA GLY B 110 0.81 -15.05 -26.28
C GLY B 110 -0.12 -16.16 -25.86
N PHE B 111 -1.42 -15.86 -25.88
CA PHE B 111 -2.45 -16.81 -25.43
C PHE B 111 -2.30 -18.16 -26.12
N ASP B 112 -2.01 -18.18 -27.41
CA ASP B 112 -1.95 -19.47 -28.12
C ASP B 112 -0.88 -20.37 -27.51
N PHE B 113 0.20 -19.78 -26.99
CA PHE B 113 1.25 -20.58 -26.37
C PHE B 113 0.77 -21.22 -25.07
N TYR B 114 0.15 -20.43 -24.19
CA TYR B 114 -0.30 -20.96 -22.91
C TYR B 114 -1.50 -21.89 -23.08
N LEU B 115 -2.36 -21.61 -24.06
CA LEU B 115 -3.44 -22.54 -24.39
C LEU B 115 -2.90 -23.90 -24.81
N ALA B 116 -1.88 -23.90 -25.68
CA ALA B 116 -1.28 -25.15 -26.11
C ALA B 116 -0.57 -25.86 -24.96
N TYR B 117 0.06 -25.10 -24.06
CA TYR B 117 0.65 -25.74 -22.90
C TYR B 117 -0.42 -26.43 -22.06
N SER B 118 -1.54 -25.73 -21.81
CA SER B 118 -2.64 -26.34 -21.06
C SER B 118 -3.21 -27.58 -21.76
N ALA B 119 -3.34 -27.52 -23.08
CA ALA B 119 -4.04 -28.58 -23.80
C ALA B 119 -3.16 -29.79 -24.01
N ARG B 120 -1.86 -29.60 -24.20
CA ARG B 120 -1.00 -30.66 -24.72
C ARG B 120 0.26 -30.95 -23.93
N HIS B 121 0.76 -30.03 -23.10
CA HIS B 121 2.01 -30.37 -22.42
C HIS B 121 1.86 -30.59 -20.94
N HIS B 122 0.90 -29.96 -20.28
CA HIS B 122 0.89 -30.02 -18.82
C HIS B 122 0.50 -31.42 -18.34
N ASP B 123 1.20 -31.88 -17.32
CA ASP B 123 0.93 -33.18 -16.70
C ASP B 123 -0.06 -32.98 -15.56
N TYR B 124 -1.34 -33.18 -15.84
CA TYR B 124 -2.39 -33.02 -14.84
C TYR B 124 -2.38 -34.12 -13.78
N SER B 125 -1.75 -35.27 -14.06
CA SER B 125 -1.59 -36.26 -13.00
C SER B 125 -0.64 -35.77 -11.91
N ARG B 126 0.24 -34.81 -12.23
CA ARG B 126 1.12 -34.22 -11.22
C ARG B 126 0.39 -33.21 -10.35
N LYS B 127 -0.34 -32.27 -10.96
CA LYS B 127 -1.02 -31.24 -10.18
C LYS B 127 -1.94 -30.45 -11.10
N PRO B 128 -2.93 -29.76 -10.54
CA PRO B 128 -3.80 -28.91 -11.36
C PRO B 128 -3.06 -27.67 -11.86
N LEU B 129 -3.65 -27.05 -12.90
CA LEU B 129 -3.06 -25.90 -13.58
C LEU B 129 -4.07 -24.77 -13.66
N PHE B 130 -3.58 -23.56 -13.43
CA PHE B 130 -4.34 -22.35 -13.65
C PHE B 130 -3.73 -21.61 -14.83
N ILE B 131 -4.59 -20.96 -15.63
CA ILE B 131 -4.14 -20.08 -16.69
C ILE B 131 -4.64 -18.69 -16.36
N SER B 132 -3.74 -17.72 -16.37
CA SER B 132 -4.06 -16.33 -16.11
C SER B 132 -4.15 -15.57 -17.43
N ILE B 133 -5.23 -14.81 -17.60
CA ILE B 133 -5.38 -14.04 -18.83
C ILE B 133 -5.56 -12.56 -18.51
N SER B 134 -5.02 -11.72 -19.39
CA SER B 134 -5.01 -10.31 -19.08
C SER B 134 -5.14 -9.51 -20.37
N GLY B 135 -6.23 -9.72 -21.08
CA GLY B 135 -6.53 -8.90 -22.24
C GLY B 135 -6.65 -7.43 -21.89
N PHE B 136 -6.50 -6.59 -22.90
CA PHE B 136 -6.54 -5.14 -22.73
C PHE B 136 -7.95 -4.57 -22.85
N SER B 137 -8.94 -5.40 -23.12
CA SER B 137 -10.32 -4.96 -23.12
C SER B 137 -11.20 -6.14 -22.73
N ALA B 138 -12.47 -5.84 -22.40
CA ALA B 138 -13.39 -6.91 -22.06
C ALA B 138 -13.59 -7.86 -23.24
N GLU B 139 -13.56 -7.34 -24.47
CA GLU B 139 -13.77 -8.19 -25.65
C GLU B 139 -12.54 -9.06 -25.93
N GLU B 140 -11.34 -8.52 -25.73
CA GLU B 140 -10.14 -9.35 -25.82
C GLU B 140 -10.24 -10.52 -24.85
N ASN B 141 -10.60 -10.24 -23.60
CA ASN B 141 -10.70 -11.31 -22.61
C ASN B 141 -11.79 -12.30 -23.00
N ALA B 142 -12.92 -11.82 -23.50
CA ALA B 142 -13.98 -12.76 -23.81
C ALA B 142 -13.64 -13.63 -25.01
N GLU B 143 -12.88 -13.11 -25.98
CA GLU B 143 -12.52 -13.99 -27.10
C GLU B 143 -11.57 -15.09 -26.65
N MET B 144 -10.62 -14.75 -25.77
CA MET B 144 -9.69 -15.76 -25.27
C MET B 144 -10.43 -16.83 -24.48
N CYS B 145 -11.41 -16.43 -23.66
CA CYS B 145 -12.18 -17.40 -22.87
C CYS B 145 -12.95 -18.35 -23.76
N LYS B 146 -13.47 -17.85 -24.89
CA LYS B 146 -14.22 -18.72 -25.79
C LYS B 146 -13.35 -19.85 -26.30
N ARG B 147 -12.10 -19.56 -26.62
CA ARG B 147 -11.18 -20.60 -27.07
C ARG B 147 -10.70 -21.47 -25.91
N LEU B 148 -10.58 -20.89 -24.71
CA LEU B 148 -10.14 -21.69 -23.58
C LEU B 148 -11.21 -22.68 -23.16
N ALA B 149 -12.50 -22.33 -23.32
CA ALA B 149 -13.59 -23.14 -22.78
C ALA B 149 -13.47 -24.61 -23.12
N PRO B 150 -13.26 -25.02 -24.38
CA PRO B 150 -13.22 -26.46 -24.66
C PRO B 150 -12.03 -27.14 -24.01
N VAL B 151 -10.90 -26.43 -23.91
CA VAL B 151 -9.72 -26.99 -23.24
C VAL B 151 -9.98 -27.13 -21.74
N ALA B 152 -10.63 -26.13 -21.13
CA ALA B 152 -10.97 -26.26 -19.72
C ALA B 152 -11.90 -27.46 -19.51
N ALA B 153 -12.84 -27.69 -20.43
CA ALA B 153 -13.76 -28.81 -20.25
C ALA B 153 -13.06 -30.15 -20.39
N GLU B 154 -12.14 -30.28 -21.35
CA GLU B 154 -11.49 -31.58 -21.57
C GLU B 154 -10.35 -31.84 -20.59
N LYS B 155 -9.55 -30.82 -20.27
CA LYS B 155 -8.33 -31.04 -19.49
C LYS B 155 -8.42 -30.58 -18.03
N GLY B 156 -9.29 -29.62 -17.71
CA GLY B 156 -9.46 -29.20 -16.34
C GLY B 156 -8.67 -27.96 -15.93
N VAL B 157 -7.94 -27.34 -16.86
CA VAL B 157 -7.26 -26.09 -16.54
C VAL B 157 -8.31 -25.08 -16.05
N ILE B 158 -7.89 -24.26 -15.09
CA ILE B 158 -8.77 -23.32 -14.39
C ILE B 158 -8.36 -21.89 -14.71
N LEU B 159 -9.33 -21.04 -15.03
CA LEU B 159 -9.06 -19.68 -15.48
C LEU B 159 -8.99 -18.71 -14.30
N GLU B 160 -7.95 -17.87 -14.28
CA GLU B 160 -7.80 -16.72 -13.38
C GLU B 160 -7.79 -15.47 -14.26
N LEU B 161 -8.74 -14.58 -14.05
CA LEU B 161 -8.84 -13.34 -14.80
C LEU B 161 -8.13 -12.23 -14.02
N ASN B 162 -7.13 -11.61 -14.64
CA ASN B 162 -6.34 -10.56 -14.01
C ASN B 162 -7.01 -9.21 -14.25
N LEU B 163 -7.57 -8.63 -13.19
CA LEU B 163 -8.18 -7.30 -13.22
C LEU B 163 -7.33 -6.24 -12.55
N SER B 164 -6.06 -6.52 -12.32
CA SER B 164 -5.33 -5.67 -11.41
C SER B 164 -3.99 -5.32 -11.87
N CYS B 165 -3.79 -5.29 -13.19
CA CYS B 165 -2.44 -5.01 -13.56
C CYS B 165 -1.75 -3.70 -13.92
N PRO B 166 -0.74 -3.25 -13.17
CA PRO B 166 -0.80 -2.03 -12.38
C PRO B 166 0.30 -1.26 -13.14
N ASN B 167 0.77 -1.94 -14.21
CA ASN B 167 1.88 -1.52 -15.06
C ASN B 167 1.56 -1.43 -16.54
N VAL B 168 0.29 -1.53 -16.95
CA VAL B 168 -0.08 -1.47 -18.36
C VAL B 168 -0.24 -0.01 -18.78
N PRO B 169 0.78 0.61 -19.36
CA PRO B 169 0.74 2.07 -19.60
C PRO B 169 -0.54 2.53 -20.27
N GLY B 170 -1.19 3.52 -19.65
CA GLY B 170 -2.47 4.02 -20.07
C GLY B 170 -3.68 3.37 -19.40
N LYS B 171 -3.65 2.04 -19.25
CA LYS B 171 -4.78 1.28 -18.73
C LYS B 171 -4.69 1.07 -17.22
N PRO B 172 -5.43 1.84 -16.41
CA PRO B 172 -5.36 1.65 -14.96
C PRO B 172 -6.10 0.41 -14.47
N GLN B 173 -5.65 -0.10 -13.32
CA GLN B 173 -6.22 -1.27 -12.68
C GLN B 173 -7.73 -1.29 -12.91
N VAL B 174 -8.21 -2.24 -13.71
CA VAL B 174 -9.64 -2.37 -13.98
C VAL B 174 -10.43 -2.46 -12.68
N ALA B 175 -9.94 -3.19 -11.69
CA ALA B 175 -10.78 -3.36 -10.51
C ALA B 175 -10.79 -2.10 -9.63
N TYR B 176 -10.07 -1.04 -10.00
CA TYR B 176 -10.19 0.25 -9.34
C TYR B 176 -11.27 1.14 -9.95
N ASP B 177 -12.01 0.62 -10.93
CA ASP B 177 -13.13 1.33 -11.56
C ASP B 177 -14.29 0.32 -11.57
N PHE B 178 -15.21 0.44 -10.62
CA PHE B 178 -16.18 -0.63 -10.42
C PHE B 178 -17.09 -0.80 -11.62
N ASP B 179 -17.29 0.23 -12.44
CA ASP B 179 -18.12 0.06 -13.62
C ASP B 179 -17.45 -0.85 -14.65
N ALA B 180 -16.16 -0.63 -14.91
CA ALA B 180 -15.44 -1.53 -15.80
C ALA B 180 -15.40 -2.95 -15.24
N MET B 181 -15.18 -3.09 -13.93
CA MET B 181 -15.13 -4.42 -13.34
C MET B 181 -16.43 -5.18 -13.60
N ARG B 182 -17.57 -4.52 -13.35
CA ARG B 182 -18.83 -5.20 -13.61
C ARG B 182 -18.96 -5.58 -15.08
N ARG B 183 -18.48 -4.71 -15.97
CA ARG B 183 -18.56 -4.97 -17.40
C ARG B 183 -17.70 -6.16 -17.79
N TYR B 184 -16.45 -6.19 -17.30
CA TYR B 184 -15.59 -7.34 -17.60
C TYR B 184 -16.21 -8.64 -17.12
N LEU B 185 -16.74 -8.64 -15.89
CA LEU B 185 -17.29 -9.88 -15.33
C LEU B 185 -18.52 -10.32 -16.09
N ALA B 186 -19.38 -9.38 -16.46
CA ALA B 186 -20.54 -9.74 -17.27
C ALA B 186 -20.11 -10.31 -18.63
N ALA B 187 -19.09 -9.68 -19.25
CA ALA B 187 -18.61 -10.16 -20.55
C ALA B 187 -18.05 -11.57 -20.45
N ILE B 188 -17.19 -11.82 -19.46
CA ILE B 188 -16.63 -13.16 -19.31
C ILE B 188 -17.71 -14.17 -18.92
N SER B 189 -18.63 -13.77 -18.03
CA SER B 189 -19.69 -14.71 -17.67
C SER B 189 -20.51 -15.13 -18.88
N GLU B 190 -20.73 -14.22 -19.84
CA GLU B 190 -21.46 -14.60 -21.03
C GLU B 190 -20.62 -15.50 -21.94
N ALA B 191 -19.31 -15.24 -22.02
CA ALA B 191 -18.45 -15.96 -22.96
C ALA B 191 -17.98 -17.31 -22.45
N TYR B 192 -17.87 -17.50 -21.13
CA TYR B 192 -17.17 -18.65 -20.58
C TYR B 192 -18.13 -19.49 -19.75
N PRO B 193 -18.26 -20.79 -20.01
CA PRO B 193 -19.26 -21.60 -19.29
C PRO B 193 -18.84 -22.08 -17.90
N HIS B 194 -17.57 -21.99 -17.54
CA HIS B 194 -17.07 -22.63 -16.33
C HIS B 194 -16.87 -21.63 -15.21
N PRO B 195 -16.73 -22.11 -13.98
CA PRO B 195 -16.30 -21.22 -12.89
C PRO B 195 -14.89 -20.69 -13.16
N PHE B 196 -14.62 -19.48 -12.68
CA PHE B 196 -13.31 -18.88 -12.86
C PHE B 196 -12.99 -18.06 -11.63
N GLY B 197 -11.75 -17.55 -11.58
CA GLY B 197 -11.31 -16.70 -10.50
C GLY B 197 -10.90 -15.34 -11.03
N VAL B 198 -10.67 -14.42 -10.09
CA VAL B 198 -10.25 -13.06 -10.43
C VAL B 198 -9.09 -12.67 -9.53
N LYS B 199 -8.05 -12.10 -10.12
CA LYS B 199 -6.92 -11.55 -9.38
C LYS B 199 -7.18 -10.06 -9.14
N MET B 200 -7.19 -9.65 -7.88
CA MET B 200 -7.65 -8.34 -7.45
C MET B 200 -6.50 -7.43 -7.05
N PRO B 201 -6.60 -6.12 -7.30
CA PRO B 201 -5.64 -5.19 -6.70
C PRO B 201 -5.94 -5.06 -5.22
N PRO B 202 -5.01 -4.52 -4.42
CA PRO B 202 -5.36 -4.23 -3.03
C PRO B 202 -6.30 -3.05 -2.93
N TYR B 203 -7.20 -3.11 -1.93
CA TYR B 203 -8.00 -1.97 -1.50
C TYR B 203 -7.57 -1.55 -0.11
N PHE B 204 -7.94 -0.32 0.26
CA PHE B 204 -7.41 0.30 1.47
C PHE B 204 -8.48 0.96 2.33
N ASP B 205 -9.76 0.69 2.08
CA ASP B 205 -10.82 1.20 2.94
C ASP B 205 -12.04 0.31 2.78
N PHE B 206 -12.91 0.33 3.80
CA PHE B 206 -14.03 -0.60 3.83
C PHE B 206 -15.08 -0.26 2.78
N ALA B 207 -15.25 1.02 2.46
CA ALA B 207 -16.18 1.36 1.38
C ALA B 207 -15.79 0.62 0.10
N HIS B 208 -14.49 0.54 -0.22
CA HIS B 208 -14.10 -0.15 -1.44
C HIS B 208 -14.23 -1.67 -1.30
N PHE B 209 -13.89 -2.22 -0.13
CA PHE B 209 -14.11 -3.65 0.10
C PHE B 209 -15.57 -4.01 -0.13
N ASP B 210 -16.49 -3.20 0.41
CA ASP B 210 -17.92 -3.49 0.26
C ASP B 210 -18.37 -3.35 -1.19
N ALA B 211 -17.92 -2.29 -1.87
CA ALA B 211 -18.30 -2.13 -3.27
C ALA B 211 -17.81 -3.31 -4.11
N ALA B 212 -16.54 -3.70 -3.95
CA ALA B 212 -16.03 -4.81 -4.75
C ALA B 212 -16.74 -6.12 -4.42
N ALA B 213 -16.94 -6.42 -3.13
CA ALA B 213 -17.59 -7.68 -2.77
C ALA B 213 -19.03 -7.72 -3.26
N GLU B 214 -19.72 -6.59 -3.25
CA GLU B 214 -21.11 -6.55 -3.71
C GLU B 214 -21.19 -6.88 -5.19
N ILE B 215 -20.22 -6.40 -5.98
CA ILE B 215 -20.17 -6.76 -7.39
C ILE B 215 -19.83 -8.23 -7.56
N LEU B 216 -18.79 -8.69 -6.87
CA LEU B 216 -18.36 -10.09 -7.05
C LEU B 216 -19.48 -11.06 -6.69
N ASN B 217 -20.22 -10.78 -5.62
CA ASN B 217 -21.28 -11.69 -5.17
C ASN B 217 -22.44 -11.79 -6.15
N GLN B 218 -22.47 -10.97 -7.19
CA GLN B 218 -23.52 -11.02 -8.19
C GLN B 218 -23.15 -11.89 -9.39
N PHE B 219 -21.96 -12.48 -9.38
CA PHE B 219 -21.49 -13.30 -10.50
C PHE B 219 -21.20 -14.70 -9.97
N PRO B 220 -22.17 -15.61 -10.06
CA PRO B 220 -21.97 -16.94 -9.49
C PRO B 220 -20.78 -17.69 -10.06
N LYS B 221 -20.35 -17.37 -11.27
CA LYS B 221 -19.22 -18.10 -11.83
C LYS B 221 -17.88 -17.65 -11.27
N VAL B 222 -17.81 -16.52 -10.58
CA VAL B 222 -16.58 -16.15 -9.90
C VAL B 222 -16.52 -17.02 -8.65
N GLN B 223 -15.67 -18.06 -8.69
CA GLN B 223 -15.58 -18.99 -7.57
C GLN B 223 -14.39 -18.77 -6.67
N PHE B 224 -13.37 -18.02 -7.12
CA PHE B 224 -12.29 -17.65 -6.22
C PHE B 224 -11.80 -16.25 -6.54
N ILE B 225 -11.20 -15.65 -5.53
CA ILE B 225 -10.71 -14.28 -5.55
C ILE B 225 -9.27 -14.37 -5.04
N THR B 226 -8.32 -13.91 -5.83
CA THR B 226 -6.92 -13.86 -5.40
C THR B 226 -6.58 -12.46 -4.92
N CYS B 227 -6.22 -12.36 -3.65
CA CYS B 227 -5.77 -11.12 -3.03
C CYS B 227 -4.35 -11.36 -2.53
N ILE B 228 -3.37 -10.59 -3.07
CA ILE B 228 -3.47 -9.43 -3.96
C ILE B 228 -2.41 -9.46 -5.05
N ASN B 229 -2.66 -8.68 -6.08
CA ASN B 229 -1.63 -8.21 -6.98
C ASN B 229 -0.73 -7.22 -6.24
N SER B 230 0.35 -6.81 -6.89
CA SER B 230 1.29 -5.89 -6.27
C SER B 230 0.61 -4.57 -5.85
N ILE B 231 1.22 -3.91 -4.86
CA ILE B 231 0.79 -2.57 -4.48
C ILE B 231 1.31 -1.61 -5.53
N GLY B 232 0.40 -0.97 -6.25
CA GLY B 232 0.76 -0.31 -7.49
C GLY B 232 1.54 0.98 -7.28
N ASN B 233 2.44 1.22 -8.25
CA ASN B 233 3.06 2.54 -8.45
C ASN B 233 3.75 3.07 -7.19
N GLY B 234 4.55 2.20 -6.57
CA GLY B 234 5.56 2.66 -5.64
C GLY B 234 6.72 3.21 -6.42
N LEU B 235 7.71 3.75 -5.69
CA LEU B 235 8.85 4.37 -6.33
C LEU B 235 10.08 4.11 -5.49
N VAL B 236 11.15 3.64 -6.13
CA VAL B 236 12.43 3.41 -5.48
C VAL B 236 13.49 4.24 -6.19
N ILE B 237 14.36 4.87 -5.39
CA ILE B 237 15.42 5.73 -5.87
C ILE B 237 16.73 5.24 -5.25
N ASP B 238 17.78 5.16 -6.06
CA ASP B 238 19.08 4.73 -5.53
C ASP B 238 19.81 5.94 -4.96
N VAL B 239 20.25 5.83 -3.71
CA VAL B 239 20.96 6.93 -3.06
C VAL B 239 22.23 7.28 -3.86
N GLU B 240 23.00 6.26 -4.24
CA GLU B 240 24.30 6.53 -4.86
C GLU B 240 24.14 7.26 -6.19
N THR B 241 23.22 6.80 -7.04
CA THR B 241 23.07 7.40 -8.37
C THR B 241 22.03 8.50 -8.42
N GLU B 242 21.23 8.67 -7.37
CA GLU B 242 20.15 9.66 -7.36
C GLU B 242 19.16 9.44 -8.50
N SER B 243 18.97 8.18 -8.92
CA SER B 243 18.02 7.93 -9.99
C SER B 243 17.17 6.71 -9.67
N VAL B 244 16.02 6.66 -10.35
CA VAL B 244 15.09 5.54 -10.22
C VAL B 244 15.79 4.25 -10.66
N VAL B 245 15.30 3.11 -10.16
CA VAL B 245 15.97 1.83 -10.39
C VAL B 245 15.34 1.02 -11.52
N ILE B 246 14.16 1.37 -12.00
CA ILE B 246 13.60 0.71 -13.18
C ILE B 246 13.25 1.79 -14.20
N LYS B 247 13.24 1.39 -15.47
CA LYS B 247 13.23 2.34 -16.56
C LYS B 247 11.82 2.81 -16.92
N PRO B 248 10.83 1.92 -17.07
CA PRO B 248 9.51 2.38 -17.55
C PRO B 248 8.86 3.33 -16.56
N LYS B 249 7.94 4.13 -17.08
CA LYS B 249 7.00 4.90 -16.25
C LYS B 249 7.72 5.73 -15.18
N GLN B 250 8.88 6.28 -15.54
CA GLN B 250 9.61 7.19 -14.65
C GLN B 250 10.03 6.52 -13.34
N GLY B 251 10.26 5.20 -13.36
CA GLY B 251 10.65 4.48 -12.17
C GLY B 251 9.52 3.95 -11.30
N PHE B 252 8.26 4.23 -11.65
CA PHE B 252 7.13 3.79 -10.84
C PHE B 252 6.77 2.34 -11.18
N GLY B 253 6.49 1.52 -10.15
CA GLY B 253 6.24 0.13 -10.41
C GLY B 253 5.54 -0.56 -9.26
N GLY B 254 5.12 -1.80 -9.50
CA GLY B 254 4.38 -2.55 -8.48
C GLY B 254 5.31 -3.16 -7.44
N LEU B 255 4.93 -3.03 -6.18
CA LEU B 255 5.69 -3.56 -5.06
C LEU B 255 5.24 -4.96 -4.71
N GLY B 256 6.21 -5.84 -4.43
CA GLY B 256 5.92 -7.16 -3.91
C GLY B 256 6.83 -7.46 -2.73
N GLY B 257 6.55 -8.61 -2.07
CA GLY B 257 7.44 -9.01 -1.00
C GLY B 257 6.97 -8.52 0.35
N ARG B 258 7.91 -8.27 1.27
CA ARG B 258 7.49 -8.02 2.65
C ARG B 258 6.71 -6.71 2.79
N TYR B 259 6.93 -5.73 1.90
CA TYR B 259 6.21 -4.47 1.99
C TYR B 259 4.70 -4.68 2.01
N VAL B 260 4.23 -5.74 1.36
CA VAL B 260 2.80 -5.86 1.07
C VAL B 260 2.11 -6.84 2.01
N PHE B 261 2.81 -7.45 2.94
CA PHE B 261 2.22 -8.55 3.71
C PHE B 261 0.99 -8.10 4.50
N PRO B 262 1.06 -7.08 5.36
CA PRO B 262 -0.15 -6.69 6.11
C PRO B 262 -1.29 -6.25 5.22
N THR B 263 -0.99 -5.58 4.11
CA THR B 263 -2.04 -5.25 3.16
C THR B 263 -2.64 -6.50 2.55
N ALA B 264 -1.81 -7.49 2.21
CA ALA B 264 -2.34 -8.70 1.59
C ALA B 264 -3.24 -9.46 2.57
N LEU B 265 -2.82 -9.57 3.83
CA LEU B 265 -3.64 -10.26 4.84
C LEU B 265 -4.97 -9.56 5.03
N ALA B 266 -4.96 -8.23 5.07
CA ALA B 266 -6.19 -7.47 5.24
C ALA B 266 -7.15 -7.73 4.09
N ASN B 267 -6.63 -7.76 2.86
CA ASN B 267 -7.50 -7.99 1.71
C ASN B 267 -8.03 -9.42 1.70
N VAL B 268 -7.19 -10.40 2.02
CA VAL B 268 -7.67 -11.78 2.14
C VAL B 268 -8.80 -11.86 3.17
N ASN B 269 -8.59 -11.31 4.36
CA ASN B 269 -9.62 -11.42 5.40
C ASN B 269 -10.85 -10.57 5.07
N ALA B 270 -10.66 -9.41 4.45
CA ALA B 270 -11.81 -8.58 4.10
C ALA B 270 -12.73 -9.30 3.14
N PHE B 271 -12.16 -9.94 2.11
CA PHE B 271 -13.00 -10.68 1.17
C PHE B 271 -13.45 -12.03 1.72
N TYR B 272 -12.65 -12.68 2.56
CA TYR B 272 -13.11 -13.90 3.21
C TYR B 272 -14.42 -13.64 3.92
N ARG B 273 -14.51 -12.51 4.63
CA ARG B 273 -15.70 -12.17 5.39
C ARG B 273 -16.86 -11.77 4.48
N ARG B 274 -16.58 -11.02 3.42
CA ARG B 274 -17.69 -10.46 2.63
C ARG B 274 -18.12 -11.33 1.47
N CYS B 275 -17.37 -12.38 1.12
CA CYS B 275 -17.71 -13.24 -0.01
C CYS B 275 -17.68 -14.69 0.48
N PRO B 276 -18.60 -15.05 1.37
CA PRO B 276 -18.58 -16.41 1.92
C PRO B 276 -18.85 -17.49 0.90
N GLY B 277 -19.44 -17.19 -0.26
CA GLY B 277 -19.59 -18.24 -1.24
C GLY B 277 -18.41 -18.41 -2.19
N LYS B 278 -17.32 -17.68 -2.00
CA LYS B 278 -16.19 -17.78 -2.89
C LYS B 278 -14.99 -18.26 -2.10
N LEU B 279 -14.02 -18.83 -2.80
CA LEU B 279 -12.74 -19.13 -2.18
C LEU B 279 -11.84 -17.91 -2.29
N ILE B 280 -10.98 -17.71 -1.29
CA ILE B 280 -9.97 -16.66 -1.33
C ILE B 280 -8.61 -17.32 -1.49
N PHE B 281 -7.82 -16.85 -2.47
CA PHE B 281 -6.42 -17.24 -2.58
C PHE B 281 -5.57 -16.10 -2.06
N GLY B 282 -4.61 -16.41 -1.21
CA GLY B 282 -3.73 -15.39 -0.65
C GLY B 282 -2.48 -15.24 -1.51
N CYS B 283 -2.10 -14.01 -1.75
CA CYS B 283 -0.86 -13.72 -2.47
C CYS B 283 -0.29 -12.44 -1.88
N GLY B 284 1.00 -12.48 -1.53
CA GLY B 284 1.67 -11.28 -1.03
C GLY B 284 2.50 -11.51 0.21
N GLY B 285 3.82 -11.29 0.12
CA GLY B 285 4.65 -11.29 1.30
C GLY B 285 5.05 -12.64 1.88
N VAL B 286 4.79 -13.74 1.18
CA VAL B 286 5.07 -15.06 1.75
C VAL B 286 6.55 -15.37 1.56
N TYR B 287 7.30 -15.45 2.66
CA TYR B 287 8.66 -15.95 2.63
C TYR B 287 8.89 -17.17 3.50
N THR B 288 7.96 -17.50 4.40
CA THR B 288 8.13 -18.60 5.36
C THR B 288 6.82 -19.34 5.52
N GLY B 289 6.91 -20.52 6.14
CA GLY B 289 5.71 -21.26 6.47
C GLY B 289 4.81 -20.54 7.44
N GLU B 290 5.38 -19.72 8.32
CA GLU B 290 4.58 -18.91 9.22
C GLU B 290 3.79 -17.84 8.47
N ASP B 291 4.40 -17.23 7.45
CA ASP B 291 3.67 -16.25 6.65
C ASP B 291 2.45 -16.92 6.03
N ALA B 292 2.63 -18.14 5.51
CA ALA B 292 1.55 -18.89 4.89
C ALA B 292 0.48 -19.28 5.90
N PHE B 293 0.91 -19.64 7.11
CA PHE B 293 -0.04 -19.95 8.17
C PHE B 293 -0.99 -18.78 8.42
N LEU B 294 -0.44 -17.55 8.47
CA LEU B 294 -1.26 -16.36 8.69
C LEU B 294 -2.22 -16.10 7.54
N HIS B 295 -1.76 -16.30 6.30
CA HIS B 295 -2.69 -16.22 5.17
C HIS B 295 -3.87 -17.16 5.34
N VAL B 296 -3.58 -18.41 5.68
CA VAL B 296 -4.67 -19.38 5.82
C VAL B 296 -5.59 -18.98 6.97
N LEU B 297 -5.00 -18.58 8.09
CA LEU B 297 -5.77 -18.10 9.24
C LEU B 297 -6.69 -16.94 8.85
N ALA B 298 -6.22 -16.04 7.97
CA ALA B 298 -7.03 -14.93 7.50
C ALA B 298 -8.12 -15.38 6.53
N GLY B 299 -8.01 -16.60 5.98
CA GLY B 299 -9.06 -17.13 5.13
C GLY B 299 -8.60 -17.70 3.80
N ALA B 300 -7.30 -17.75 3.55
CA ALA B 300 -6.82 -18.23 2.25
C ALA B 300 -6.99 -19.75 2.11
N SER B 301 -7.49 -20.16 0.95
CA SER B 301 -7.53 -21.56 0.54
C SER B 301 -6.22 -22.01 -0.12
N MET B 302 -5.71 -21.20 -1.07
CA MET B 302 -4.37 -21.42 -1.62
C MET B 302 -3.53 -20.20 -1.29
N VAL B 303 -2.21 -20.40 -1.33
CA VAL B 303 -1.23 -19.38 -0.98
C VAL B 303 -0.22 -19.27 -2.12
N GLN B 304 -0.18 -18.14 -2.79
CA GLN B 304 0.71 -17.94 -3.92
C GLN B 304 1.99 -17.27 -3.45
N VAL B 305 3.09 -17.56 -4.14
CA VAL B 305 4.41 -17.08 -3.75
C VAL B 305 5.07 -16.42 -4.96
N GLY B 306 5.36 -15.12 -4.85
CA GLY B 306 5.91 -14.37 -5.97
C GLY B 306 7.37 -14.00 -5.81
N THR B 307 7.64 -12.87 -5.16
CA THR B 307 9.00 -12.38 -4.99
C THR B 307 9.91 -13.43 -4.38
N ALA B 308 9.46 -14.10 -3.31
CA ALA B 308 10.33 -15.06 -2.64
C ALA B 308 10.73 -16.18 -3.60
N LEU B 309 9.80 -16.60 -4.45
CA LEU B 309 10.08 -17.66 -5.42
C LEU B 309 11.01 -17.17 -6.52
N HIS B 310 10.83 -15.93 -6.96
CA HIS B 310 11.78 -15.34 -7.90
C HIS B 310 13.21 -15.44 -7.36
N GLU B 311 13.39 -15.26 -6.05
CA GLU B 311 14.73 -15.21 -5.48
C GLU B 311 15.29 -16.60 -5.18
N GLU B 312 14.45 -17.51 -4.67
CA GLU B 312 14.91 -18.81 -4.20
C GLU B 312 14.78 -19.91 -5.25
N GLY B 313 13.87 -19.78 -6.22
CA GLY B 313 13.60 -20.88 -7.12
C GLY B 313 12.66 -21.90 -6.49
N ALA B 314 12.30 -22.91 -7.30
CA ALA B 314 11.23 -23.83 -6.95
C ALA B 314 11.53 -24.71 -5.74
N ALA B 315 12.79 -24.78 -5.27
CA ALA B 315 13.02 -25.51 -4.02
C ALA B 315 12.36 -24.83 -2.82
N ILE B 316 11.92 -23.57 -2.96
CA ILE B 316 11.24 -22.91 -1.84
C ILE B 316 10.05 -23.73 -1.37
N PHE B 317 9.37 -24.44 -2.28
CA PHE B 317 8.15 -25.13 -1.87
C PHE B 317 8.41 -26.25 -0.88
N GLU B 318 9.55 -26.94 -0.99
CA GLU B 318 9.93 -27.92 0.03
C GLU B 318 10.08 -27.27 1.39
N ARG B 319 10.65 -26.07 1.42
CA ARG B 319 10.87 -25.41 2.69
C ARG B 319 9.56 -24.88 3.26
N LEU B 320 8.70 -24.31 2.41
CA LEU B 320 7.44 -23.75 2.88
C LEU B 320 6.53 -24.84 3.43
N THR B 321 6.43 -25.98 2.76
CA THR B 321 5.59 -27.04 3.29
C THR B 321 6.12 -27.54 4.62
N ALA B 322 7.44 -27.72 4.73
CA ALA B 322 8.01 -28.21 5.99
C ALA B 322 7.78 -27.21 7.11
N GLU B 323 7.96 -25.91 6.82
CA GLU B 323 7.75 -24.89 7.84
C GLU B 323 6.28 -24.78 8.24
N LEU B 324 5.36 -24.84 7.28
CA LEU B 324 3.96 -24.79 7.64
C LEU B 324 3.56 -26.01 8.46
N LEU B 325 4.01 -27.21 8.06
CA LEU B 325 3.73 -28.38 8.89
C LEU B 325 4.30 -28.23 10.30
N ASP B 326 5.45 -27.57 10.44
CA ASP B 326 6.03 -27.41 11.77
C ASP B 326 5.20 -26.45 12.62
N VAL B 327 4.68 -25.37 12.02
CA VAL B 327 3.78 -24.50 12.76
C VAL B 327 2.55 -25.28 13.20
N MET B 328 1.95 -26.08 12.30
CA MET B 328 0.76 -26.82 12.70
C MET B 328 1.06 -27.92 13.73
N ALA B 329 2.21 -28.58 13.63
CA ALA B 329 2.57 -29.59 14.62
C ALA B 329 2.63 -29.00 16.02
N LYS B 330 3.26 -27.82 16.16
CA LYS B 330 3.37 -27.18 17.46
C LYS B 330 2.02 -26.76 18.04
N LYS B 331 1.00 -26.62 17.20
CA LYS B 331 -0.30 -26.17 17.67
C LYS B 331 -1.33 -27.31 17.74
N GLY B 332 -0.97 -28.51 17.32
CA GLY B 332 -1.90 -29.62 17.31
C GLY B 332 -2.85 -29.67 16.14
N TYR B 333 -2.63 -28.85 15.09
CA TYR B 333 -3.54 -28.90 13.95
C TYR B 333 -3.20 -30.09 13.07
N LYS B 334 -4.24 -30.76 12.57
CA LYS B 334 -4.06 -31.89 11.67
C LYS B 334 -4.42 -31.58 10.23
N ALA B 335 -5.21 -30.52 9.98
CA ALA B 335 -5.62 -30.17 8.63
C ALA B 335 -5.83 -28.67 8.59
N LEU B 336 -5.74 -28.12 7.37
CA LEU B 336 -5.91 -26.67 7.21
C LEU B 336 -7.32 -26.22 7.56
N ASP B 337 -8.34 -27.05 7.28
CA ASP B 337 -9.72 -26.69 7.63
C ASP B 337 -9.88 -26.42 9.12
N GLU B 338 -8.95 -26.89 9.96
CA GLU B 338 -9.11 -26.64 11.41
C GLU B 338 -8.83 -25.20 11.79
N PHE B 339 -8.14 -24.41 10.96
CA PHE B 339 -7.89 -23.03 11.35
C PHE B 339 -8.10 -22.02 10.23
N ARG B 340 -8.41 -22.44 9.01
CA ARG B 340 -8.60 -21.49 7.93
C ARG B 340 -9.71 -20.52 8.29
N GLY B 341 -9.41 -19.23 8.20
CA GLY B 341 -10.40 -18.22 8.52
C GLY B 341 -10.63 -18.00 10.01
N LYS B 342 -9.91 -18.70 10.89
CA LYS B 342 -10.18 -18.65 12.32
C LYS B 342 -9.36 -17.60 13.06
N VAL B 343 -8.92 -16.54 12.38
CA VAL B 343 -8.25 -15.46 13.09
C VAL B 343 -9.19 -14.96 14.19
N LYS B 344 -8.66 -14.80 15.39
CA LYS B 344 -9.45 -14.30 16.51
C LYS B 344 -9.37 -12.78 16.56
N ALA B 345 -10.52 -12.12 16.60
CA ALA B 345 -10.56 -10.67 16.77
C ALA B 345 -10.60 -10.37 18.27
N MET B 346 -9.43 -10.16 18.85
CA MET B 346 -9.30 -9.73 20.24
C MET B 346 -10.25 -8.58 20.56
#